data_3M9W
#
_entry.id   3M9W
#
_cell.length_a   34.663
_cell.length_b   72.188
_cell.length_c   66.322
_cell.angle_alpha   90.00
_cell.angle_beta   100.48
_cell.angle_gamma   90.00
#
_symmetry.space_group_name_H-M   'P 1 21 1'
#
loop_
_entity.id
_entity.type
_entity.pdbx_description
1 polymer 'D-xylose-binding periplasmic protein'
2 non-polymer 'PHOSPHATE ION'
3 water water
#
_entity_poly.entity_id   1
_entity_poly.type   'polypeptide(L)'
_entity_poly.pdbx_seq_one_letter_code
;KEVKIGMAIDDLRLERWQKDRDIFVKKAESLGAKVFVQSANGNEETQMSQIENMINRGVDVLVIIPYNGQVLSNVVKEAK
QEGIKVLAYDRMINDADIDFYISFDNEKVGELQAKALVDIVPQGNYFLMGGSPVDNNAKLFRAGQMKVLKPYVDSGKIKV
VGDQWVDGWLPENALKIMENALTANNNKIDAVVASNDATAGGAIQALSAQGLSGKVAISGQDADLAGIKRIAAGTQTMTV
YKPITLLANTAAEIAVELGNGQEPKADTTLNNGLKDVPSRLLTPIDVNKNNIKDTVIKDGFHKESELHHHHHH
;
_entity_poly.pdbx_strand_id   A
#
# COMPACT_ATOMS: atom_id res chain seq x y z
N VAL A 3 -16.47 17.11 17.86
CA VAL A 3 -16.59 15.74 17.26
C VAL A 3 -15.79 14.69 18.03
N LYS A 4 -16.46 13.63 18.49
CA LYS A 4 -15.77 12.52 19.15
C LYS A 4 -15.41 11.40 18.16
N ILE A 5 -14.14 11.01 18.15
CA ILE A 5 -13.66 9.98 17.25
C ILE A 5 -13.22 8.74 18.04
N GLY A 6 -13.69 7.57 17.63
CA GLY A 6 -13.16 6.31 18.14
C GLY A 6 -12.31 5.64 17.07
N MET A 7 -11.02 5.49 17.36
CA MET A 7 -10.11 4.84 16.41
C MET A 7 -9.77 3.43 16.91
N ALA A 8 -10.19 2.42 16.16
CA ALA A 8 -10.00 1.04 16.57
C ALA A 8 -9.00 0.41 15.63
N ILE A 9 -7.72 0.46 16.03
CA ILE A 9 -6.60 -0.04 15.26
C ILE A 9 -6.41 -1.52 15.52
N ASP A 10 -6.33 -2.31 14.46
CA ASP A 10 -6.35 -3.77 14.62
C ASP A 10 -5.16 -4.31 15.42
N ASP A 11 -3.99 -3.69 15.28
CA ASP A 11 -2.80 -4.21 15.93
C ASP A 11 -1.75 -3.12 16.07
N LEU A 12 -1.54 -2.65 17.29
CA LEU A 12 -0.57 -1.60 17.54
C LEU A 12 0.72 -2.18 18.11
N ARG A 13 0.73 -3.49 18.35
CA ARG A 13 1.90 -4.15 18.96
C ARG A 13 3.06 -4.28 17.97
N LEU A 14 2.93 -3.64 16.80
CA LEU A 14 4.01 -3.57 15.83
C LEU A 14 4.22 -2.11 15.46
N GLU A 15 5.11 -1.85 14.51
CA GLU A 15 5.38 -0.49 14.05
C GLU A 15 4.37 0.03 13.03
N ARG A 16 3.71 -0.89 12.31
CA ARG A 16 2.92 -0.52 11.14
C ARG A 16 1.97 0.68 11.31
N TRP A 17 1.41 0.87 12.49
CA TRP A 17 0.37 1.87 12.66
C TRP A 17 0.65 2.93 13.72
N GLN A 18 1.77 2.82 14.42
CA GLN A 18 2.02 3.73 15.54
C GLN A 18 2.25 5.14 15.03
N LYS A 19 2.78 5.25 13.83
CA LYS A 19 2.89 6.57 13.21
C LYS A 19 1.52 7.08 12.74
N ASP A 20 0.72 6.20 12.12
CA ASP A 20 -0.61 6.62 11.67
C ASP A 20 -1.36 7.19 12.87
N ARG A 21 -1.30 6.50 14.00
CA ARG A 21 -2.03 6.95 15.20
C ARG A 21 -1.72 8.38 15.63
N ASP A 22 -0.43 8.71 15.78
CA ASP A 22 -0.06 10.01 16.37
C ASP A 22 -0.41 11.19 15.46
N ILE A 23 -0.08 11.06 14.17
CA ILE A 23 -0.37 12.10 13.19
C ILE A 23 -1.88 12.31 13.08
N PHE A 24 -2.61 11.19 12.98
CA PHE A 24 -4.06 11.23 12.99
C PHE A 24 -4.56 12.00 14.21
N VAL A 25 -4.19 11.52 15.40
CA VAL A 25 -4.54 12.25 16.63
C VAL A 25 -4.28 13.75 16.54
N LYS A 26 -3.01 14.11 16.38
CA LYS A 26 -2.63 15.52 16.46
C LYS A 26 -3.41 16.36 15.44
N LYS A 27 -3.62 15.84 14.25
CA LYS A 27 -4.35 16.60 13.23
C LYS A 27 -5.86 16.61 13.52
N ALA A 28 -6.35 15.57 14.20
CA ALA A 28 -7.76 15.50 14.58
C ALA A 28 -8.10 16.52 15.66
N GLU A 29 -7.32 16.51 16.74
CA GLU A 29 -7.47 17.50 17.80
C GLU A 29 -7.32 18.91 17.24
N SER A 30 -6.31 19.08 16.39
CA SER A 30 -6.09 20.33 15.64
C SER A 30 -7.34 20.87 14.95
N LEU A 31 -8.19 19.98 14.45
CA LEU A 31 -9.44 20.41 13.82
C LEU A 31 -10.56 20.52 14.86
N GLY A 32 -10.21 20.25 16.11
CA GLY A 32 -11.14 20.39 17.22
C GLY A 32 -11.97 19.15 17.51
N ALA A 33 -11.31 18.02 17.77
CA ALA A 33 -12.02 16.80 18.13
C ALA A 33 -11.29 16.00 19.19
N LYS A 34 -12.03 15.13 19.86
CA LYS A 34 -11.50 14.30 20.92
C LYS A 34 -11.25 12.96 20.24
N VAL A 35 -10.14 12.32 20.55
CA VAL A 35 -9.85 11.01 19.94
C VAL A 35 -9.53 9.94 20.97
N PHE A 36 -10.30 8.86 20.92
CA PHE A 36 -10.11 7.71 21.78
C PHE A 36 -9.60 6.54 20.96
N VAL A 37 -8.47 5.96 21.37
CA VAL A 37 -7.81 4.93 20.57
C VAL A 37 -7.74 3.63 21.35
N GLN A 38 -7.96 2.52 20.65
CA GLN A 38 -7.70 1.22 21.21
C GLN A 38 -7.07 0.39 20.13
N SER A 39 -6.34 -0.65 20.55
CA SER A 39 -5.65 -1.57 19.64
C SER A 39 -6.05 -2.96 20.02
N ALA A 40 -6.25 -3.81 19.01
CA ALA A 40 -6.78 -5.14 19.26
C ALA A 40 -5.66 -6.16 19.41
N ASN A 41 -4.42 -5.67 19.40
CA ASN A 41 -3.26 -6.54 19.51
C ASN A 41 -3.36 -7.70 18.54
N GLY A 42 -3.86 -7.41 17.34
CA GLY A 42 -3.97 -8.44 16.31
C GLY A 42 -5.03 -9.50 16.57
N ASN A 43 -5.94 -9.22 17.49
CA ASN A 43 -7.03 -10.16 17.79
C ASN A 43 -8.39 -9.69 17.25
N GLU A 44 -9.02 -10.52 16.43
CA GLU A 44 -10.30 -10.17 15.82
C GLU A 44 -11.39 -9.87 16.84
N GLU A 45 -11.32 -10.54 17.98
CA GLU A 45 -12.39 -10.42 18.98
C GLU A 45 -12.14 -9.29 19.95
N THR A 46 -10.88 -8.99 20.22
CA THR A 46 -10.59 -7.76 20.92
C THR A 46 -11.10 -6.56 20.11
N GLN A 47 -10.90 -6.58 18.79
CA GLN A 47 -11.39 -5.46 17.98
C GLN A 47 -12.91 -5.32 18.05
N MET A 48 -13.65 -6.42 17.89
CA MET A 48 -15.10 -6.37 18.00
C MET A 48 -15.52 -5.72 19.31
N SER A 49 -14.87 -6.17 20.38
CA SER A 49 -15.11 -5.69 21.74
C SER A 49 -14.87 -4.20 21.82
N GLN A 50 -13.76 -3.79 21.23
CA GLN A 50 -13.33 -2.41 21.28
C GLN A 50 -14.28 -1.52 20.45
N ILE A 51 -14.69 -1.97 19.27
CA ILE A 51 -15.56 -1.17 18.42
C ILE A 51 -16.87 -0.95 19.14
N GLU A 52 -17.41 -2.02 19.69
CA GLU A 52 -18.56 -1.97 20.55
C GLU A 52 -18.37 -1.02 21.74
N ASN A 53 -17.19 -1.06 22.36
CA ASN A 53 -16.90 -0.14 23.46
C ASN A 53 -17.05 1.30 22.96
N MET A 54 -16.52 1.60 21.78
CA MET A 54 -16.63 2.95 21.22
C MET A 54 -18.09 3.38 20.92
N ILE A 55 -18.88 2.47 20.36
CA ILE A 55 -20.32 2.69 20.16
C ILE A 55 -20.94 3.08 21.50
N ASN A 56 -20.73 2.26 22.51
CA ASN A 56 -21.21 2.54 23.86
C ASN A 56 -20.64 3.80 24.53
N ARG A 57 -19.59 4.40 23.97
CA ARG A 57 -19.05 5.63 24.56
C ARG A 57 -19.68 6.84 23.90
N GLY A 58 -20.52 6.59 22.90
CA GLY A 58 -21.17 7.67 22.15
C GLY A 58 -20.26 8.42 21.18
N VAL A 59 -19.31 7.73 20.56
CA VAL A 59 -18.45 8.40 19.56
C VAL A 59 -19.30 8.85 18.39
N ASP A 60 -18.85 9.90 17.69
CA ASP A 60 -19.52 10.37 16.48
C ASP A 60 -18.99 9.67 15.24
N VAL A 61 -17.71 9.29 15.26
CA VAL A 61 -17.07 8.67 14.11
C VAL A 61 -16.18 7.53 14.54
N LEU A 62 -16.32 6.41 13.88
CA LEU A 62 -15.46 5.27 14.10
C LEU A 62 -14.46 5.22 12.99
N VAL A 63 -13.18 5.16 13.34
CA VAL A 63 -12.12 4.97 12.38
C VAL A 63 -11.49 3.62 12.66
N ILE A 64 -11.73 2.67 11.76
CA ILE A 64 -11.36 1.30 11.97
C ILE A 64 -10.28 0.88 10.99
N ILE A 65 -9.22 0.27 11.51
CA ILE A 65 -8.24 -0.43 10.68
C ILE A 65 -8.49 -1.90 10.91
N PRO A 66 -9.14 -2.59 9.96
CA PRO A 66 -9.65 -3.92 10.28
C PRO A 66 -8.59 -5.04 10.23
N TYR A 67 -8.51 -5.83 11.30
CA TYR A 67 -7.63 -6.99 11.30
C TYR A 67 -8.19 -7.97 10.28
N ASN A 68 -9.51 -8.16 10.33
CA ASN A 68 -10.23 -8.92 9.31
C ASN A 68 -11.54 -8.20 8.95
N GLY A 69 -11.62 -7.71 7.72
CA GLY A 69 -12.77 -6.92 7.28
C GLY A 69 -13.93 -7.70 6.66
N GLN A 70 -14.17 -8.92 7.14
CA GLN A 70 -15.31 -9.71 6.67
C GLN A 70 -16.28 -9.91 7.81
N VAL A 71 -15.78 -9.77 9.04
CA VAL A 71 -16.52 -10.09 10.24
C VAL A 71 -17.04 -8.86 10.97
N LEU A 72 -17.21 -7.75 10.27
CA LEU A 72 -17.61 -6.51 10.93
C LEU A 72 -18.98 -5.94 10.48
N SER A 73 -19.73 -6.71 9.72
CA SER A 73 -21.00 -6.22 9.18
C SER A 73 -22.05 -5.86 10.23
N ASN A 74 -22.25 -6.73 11.21
CA ASN A 74 -23.23 -6.51 12.26
C ASN A 74 -22.87 -5.34 13.18
N VAL A 75 -21.58 -5.20 13.50
CA VAL A 75 -21.17 -4.14 14.42
C VAL A 75 -21.26 -2.77 13.76
N VAL A 76 -20.96 -2.73 12.47
CA VAL A 76 -21.08 -1.53 11.66
C VAL A 76 -22.56 -1.13 11.53
N LYS A 77 -23.42 -2.11 11.29
CA LYS A 77 -24.86 -1.89 11.21
C LYS A 77 -25.33 -1.30 12.54
N GLU A 78 -24.96 -1.96 13.64
CA GLU A 78 -25.20 -1.48 14.99
C GLU A 78 -24.77 -0.03 15.12
N ALA A 79 -23.58 0.28 14.62
CA ALA A 79 -23.09 1.64 14.66
C ALA A 79 -23.94 2.64 13.86
N LYS A 80 -24.29 2.28 12.63
CA LYS A 80 -25.11 3.18 11.83
C LYS A 80 -26.49 3.44 12.49
N GLN A 81 -27.09 2.40 13.06
CA GLN A 81 -28.33 2.58 13.81
C GLN A 81 -28.28 3.61 14.92
N GLU A 82 -27.08 3.99 15.34
CA GLU A 82 -26.93 4.95 16.43
C GLU A 82 -26.54 6.28 15.89
N GLY A 83 -26.49 6.38 14.56
CA GLY A 83 -26.08 7.62 13.93
C GLY A 83 -24.57 7.81 13.80
N ILE A 84 -23.80 6.77 14.09
CA ILE A 84 -22.33 6.88 13.98
C ILE A 84 -21.80 6.71 12.53
N LYS A 85 -20.88 7.57 12.11
CA LYS A 85 -20.27 7.38 10.79
C LYS A 85 -19.07 6.42 10.85
N VAL A 86 -18.90 5.61 9.82
CA VAL A 86 -17.76 4.67 9.80
C VAL A 86 -16.78 4.91 8.65
N LEU A 87 -15.51 5.07 9.01
CA LEU A 87 -14.46 5.22 8.01
C LEU A 87 -13.54 4.01 8.07
N ALA A 88 -13.30 3.43 6.91
CA ALA A 88 -12.37 2.32 6.80
C ALA A 88 -10.99 2.88 6.49
N TYR A 89 -10.06 2.69 7.42
CA TYR A 89 -8.71 3.21 7.27
C TYR A 89 -7.75 2.20 6.65
N ASP A 90 -7.21 2.52 5.47
CA ASP A 90 -6.17 1.73 4.78
C ASP A 90 -6.62 0.37 4.27
N ARG A 91 -7.48 -0.33 4.99
CA ARG A 91 -7.94 -1.66 4.56
C ARG A 91 -9.47 -1.69 4.44
N MET A 92 -9.99 -2.19 3.33
CA MET A 92 -11.44 -2.15 3.08
C MET A 92 -12.25 -3.03 4.03
N ILE A 93 -13.41 -2.55 4.47
CA ILE A 93 -14.33 -3.37 5.25
C ILE A 93 -15.45 -3.87 4.33
N ASN A 94 -15.55 -5.19 4.21
CA ASN A 94 -16.37 -5.81 3.17
C ASN A 94 -17.76 -6.20 3.69
N ASP A 95 -18.76 -6.07 2.82
CA ASP A 95 -20.15 -6.43 3.15
C ASP A 95 -20.68 -5.66 4.37
N ALA A 96 -20.27 -4.39 4.47
CA ALA A 96 -20.64 -3.56 5.61
C ALA A 96 -21.09 -2.19 5.15
N ASP A 97 -21.94 -1.57 5.97
CA ASP A 97 -22.55 -0.31 5.62
C ASP A 97 -21.70 0.86 6.09
N ILE A 98 -20.44 0.89 5.64
CA ILE A 98 -19.55 1.97 6.00
C ILE A 98 -19.80 3.18 5.14
N ASP A 99 -19.18 4.29 5.50
CA ASP A 99 -19.45 5.57 4.88
C ASP A 99 -18.29 6.05 4.02
N PHE A 100 -17.09 5.54 4.26
CA PHE A 100 -15.93 6.08 3.56
C PHE A 100 -14.72 5.15 3.70
N TYR A 101 -13.75 5.31 2.81
CA TYR A 101 -12.54 4.46 2.80
C TYR A 101 -11.34 5.29 2.36
N ILE A 102 -10.28 5.30 3.16
CA ILE A 102 -9.06 6.01 2.77
C ILE A 102 -7.84 5.05 2.60
N SER A 103 -7.16 5.18 1.46
CA SER A 103 -5.94 4.39 1.19
C SER A 103 -5.05 5.10 0.18
N PHE A 104 -3.90 4.49 -0.12
CA PHE A 104 -3.14 4.91 -1.29
C PHE A 104 -3.72 4.17 -2.47
N ASP A 105 -3.56 4.73 -3.66
CA ASP A 105 -4.10 4.12 -4.88
C ASP A 105 -3.16 3.04 -5.37
N ASN A 106 -3.53 1.78 -5.12
CA ASN A 106 -2.66 0.67 -5.46
C ASN A 106 -2.44 0.46 -6.95
N GLU A 107 -3.45 0.76 -7.77
CA GLU A 107 -3.25 0.64 -9.20
C GLU A 107 -2.19 1.62 -9.69
N LYS A 108 -2.18 2.80 -9.09
CA LYS A 108 -1.21 3.83 -9.44
C LYS A 108 0.18 3.44 -8.97
N VAL A 109 0.24 2.64 -7.90
CA VAL A 109 1.51 2.06 -7.48
C VAL A 109 2.04 1.18 -8.62
N GLY A 110 1.23 0.26 -9.09
CA GLY A 110 1.65 -0.59 -10.22
C GLY A 110 2.03 0.19 -11.45
N GLU A 111 1.32 1.28 -11.72
CA GLU A 111 1.62 2.14 -12.87
C GLU A 111 2.98 2.81 -12.74
N LEU A 112 3.26 3.38 -11.57
CA LEU A 112 4.57 3.97 -11.34
C LEU A 112 5.69 2.93 -11.55
N GLN A 113 5.53 1.74 -11.00
CA GLN A 113 6.50 0.68 -11.18
C GLN A 113 6.82 0.44 -12.66
N ALA A 114 5.80 0.15 -13.46
CA ALA A 114 6.00 -0.17 -14.87
C ALA A 114 6.47 1.00 -15.71
N LYS A 115 6.03 2.21 -15.36
CA LYS A 115 6.43 3.38 -16.15
C LYS A 115 7.89 3.75 -15.96
N ALA A 116 8.38 3.61 -14.74
CA ALA A 116 9.80 3.91 -14.51
C ALA A 116 10.63 2.90 -15.30
N LEU A 117 10.11 1.70 -15.48
CA LEU A 117 10.83 0.69 -16.24
C LEU A 117 10.79 0.94 -17.75
N VAL A 118 9.61 1.14 -18.33
CA VAL A 118 9.58 1.44 -19.79
C VAL A 118 10.30 2.74 -20.12
N ASP A 119 10.46 3.62 -19.13
CA ASP A 119 11.21 4.86 -19.35
C ASP A 119 12.68 4.64 -19.78
N ILE A 120 13.32 3.58 -19.30
CA ILE A 120 14.71 3.35 -19.67
C ILE A 120 14.89 2.09 -20.53
N VAL A 121 13.93 1.17 -20.44
CA VAL A 121 13.93 -0.05 -21.26
C VAL A 121 12.62 -0.10 -22.06
N PRO A 122 12.49 0.74 -23.08
CA PRO A 122 11.27 0.80 -23.90
C PRO A 122 11.03 -0.43 -24.76
N GLN A 123 12.11 -1.15 -25.08
CA GLN A 123 12.02 -2.40 -25.82
C GLN A 123 12.94 -3.44 -25.20
N GLY A 124 12.48 -4.67 -25.16
CA GLY A 124 13.25 -5.78 -24.57
C GLY A 124 12.35 -6.78 -23.89
N ASN A 125 12.96 -7.66 -23.10
CA ASN A 125 12.27 -8.76 -22.41
C ASN A 125 11.97 -8.46 -20.95
N TYR A 126 10.71 -8.64 -20.57
CA TYR A 126 10.27 -8.22 -19.25
C TYR A 126 9.85 -9.48 -18.53
N PHE A 127 10.14 -9.53 -17.25
CA PHE A 127 9.63 -10.63 -16.44
C PHE A 127 8.69 -9.98 -15.47
N LEU A 128 7.55 -10.61 -15.21
CA LEU A 128 6.58 -10.08 -14.26
C LEU A 128 6.62 -10.83 -12.96
N MET A 129 6.97 -10.13 -11.89
CA MET A 129 7.05 -10.71 -10.56
C MET A 129 5.96 -10.16 -9.65
N GLY A 130 4.83 -10.87 -9.56
CA GLY A 130 3.75 -10.45 -8.70
C GLY A 130 4.03 -10.66 -7.21
N GLY A 131 3.15 -10.10 -6.37
CA GLY A 131 3.14 -10.40 -4.94
C GLY A 131 2.39 -11.71 -4.75
N SER A 132 1.88 -11.95 -3.55
CA SER A 132 1.11 -13.14 -3.26
C SER A 132 -0.09 -13.31 -4.21
N PRO A 133 -0.24 -14.48 -4.84
CA PRO A 133 -1.31 -14.62 -5.83
C PRO A 133 -2.68 -14.64 -5.14
N VAL A 134 -2.69 -14.65 -3.81
CA VAL A 134 -3.97 -14.63 -3.10
C VAL A 134 -4.20 -13.29 -2.43
N ASP A 135 -3.34 -12.32 -2.70
CA ASP A 135 -3.47 -10.98 -2.17
C ASP A 135 -4.18 -10.10 -3.20
N ASN A 136 -5.36 -9.56 -2.89
CA ASN A 136 -5.98 -8.66 -3.85
C ASN A 136 -5.17 -7.40 -4.16
N ASN A 137 -4.41 -6.90 -3.19
CA ASN A 137 -3.49 -5.79 -3.46
C ASN A 137 -2.47 -6.17 -4.53
N ALA A 138 -1.97 -7.41 -4.44
CA ALA A 138 -1.05 -7.93 -5.45
C ALA A 138 -1.67 -7.76 -6.84
N LYS A 139 -2.95 -8.15 -6.96
CA LYS A 139 -3.65 -8.03 -8.24
C LYS A 139 -3.86 -6.58 -8.68
N LEU A 140 -4.13 -5.68 -7.74
CA LEU A 140 -4.19 -4.25 -8.02
C LEU A 140 -2.86 -3.67 -8.53
N PHE A 141 -1.75 -4.04 -7.90
CA PHE A 141 -0.44 -3.64 -8.43
C PHE A 141 -0.29 -4.16 -9.86
N ARG A 142 -0.63 -5.42 -10.10
CA ARG A 142 -0.48 -6.01 -11.43
C ARG A 142 -1.39 -5.35 -12.48
N ALA A 143 -2.60 -4.96 -12.07
CA ALA A 143 -3.46 -4.20 -12.96
C ALA A 143 -2.83 -2.91 -13.41
N GLY A 144 -2.30 -2.13 -12.47
CA GLY A 144 -1.60 -0.91 -12.84
C GLY A 144 -0.36 -1.13 -13.72
N GLN A 145 0.46 -2.10 -13.37
CA GLN A 145 1.58 -2.47 -14.26
C GLN A 145 1.12 -2.72 -15.72
N MET A 146 0.15 -3.61 -15.91
CA MET A 146 -0.27 -4.02 -17.27
C MET A 146 -0.94 -2.88 -18.03
N LYS A 147 -1.55 -1.98 -17.29
CA LYS A 147 -2.14 -0.78 -17.88
C LYS A 147 -1.02 0.00 -18.57
N VAL A 148 0.14 0.12 -17.94
CA VAL A 148 1.28 0.80 -18.59
C VAL A 148 1.91 -0.05 -19.68
N LEU A 149 2.01 -1.36 -19.47
CA LEU A 149 2.77 -2.22 -20.39
C LEU A 149 2.03 -2.52 -21.70
N LYS A 150 0.70 -2.56 -21.58
CA LYS A 150 -0.18 -3.05 -22.64
C LYS A 150 0.17 -2.55 -24.03
N PRO A 151 0.30 -1.24 -24.21
CA PRO A 151 0.62 -0.83 -25.58
C PRO A 151 1.99 -1.31 -26.09
N TYR A 152 2.92 -1.55 -25.15
CA TYR A 152 4.28 -2.01 -25.51
C TYR A 152 4.22 -3.49 -25.84
N VAL A 153 3.43 -4.21 -25.06
CA VAL A 153 3.28 -5.62 -25.37
C VAL A 153 2.55 -5.84 -26.70
N ASP A 154 1.37 -5.23 -26.87
CA ASP A 154 0.60 -5.45 -28.11
C ASP A 154 1.35 -5.03 -29.36
N SER A 155 2.23 -4.04 -29.23
CA SER A 155 2.97 -3.58 -30.38
C SER A 155 4.25 -4.39 -30.71
N GLY A 156 4.58 -5.36 -29.86
CA GLY A 156 5.81 -6.15 -30.02
C GLY A 156 7.08 -5.47 -29.49
N LYS A 157 6.93 -4.32 -28.83
CA LYS A 157 8.13 -3.63 -28.35
C LYS A 157 8.67 -4.30 -27.12
N ILE A 158 7.76 -4.87 -26.33
CA ILE A 158 8.14 -5.59 -25.15
C ILE A 158 7.57 -6.99 -25.15
N LYS A 159 8.42 -7.94 -24.79
CA LYS A 159 8.04 -9.33 -24.77
C LYS A 159 8.06 -9.80 -23.34
N VAL A 160 6.90 -10.23 -22.84
CA VAL A 160 6.85 -10.82 -21.52
C VAL A 160 7.43 -12.24 -21.56
N VAL A 161 8.52 -12.48 -20.84
CA VAL A 161 9.19 -13.80 -20.88
C VAL A 161 8.96 -14.67 -19.64
N GLY A 162 8.08 -14.24 -18.75
CA GLY A 162 7.80 -14.99 -17.56
C GLY A 162 6.85 -14.24 -16.69
N ASP A 163 6.25 -14.94 -15.75
CA ASP A 163 5.25 -14.31 -14.94
C ASP A 163 4.94 -15.23 -13.78
N GLN A 164 5.26 -14.76 -12.58
CA GLN A 164 5.04 -15.58 -11.39
C GLN A 164 4.63 -14.71 -10.24
N TRP A 165 3.90 -15.30 -9.31
CA TRP A 165 3.47 -14.60 -8.13
C TRP A 165 4.24 -15.16 -6.94
N VAL A 166 4.78 -14.27 -6.12
CA VAL A 166 5.64 -14.67 -5.02
C VAL A 166 4.77 -15.08 -3.84
N ASP A 167 4.72 -16.38 -3.56
CA ASP A 167 3.95 -16.86 -2.43
C ASP A 167 4.42 -16.13 -1.15
N GLY A 168 3.47 -15.59 -0.39
CA GLY A 168 3.74 -14.94 0.89
C GLY A 168 4.62 -13.70 0.87
N TRP A 169 4.85 -13.16 -0.32
CA TRP A 169 5.79 -12.04 -0.51
C TRP A 169 7.21 -12.34 0.01
N LEU A 170 7.51 -13.62 0.25
CA LEU A 170 8.83 -14.06 0.75
C LEU A 170 10.01 -13.77 -0.18
N PRO A 171 10.99 -12.97 0.27
CA PRO A 171 12.16 -12.70 -0.55
C PRO A 171 12.88 -13.95 -1.01
N GLU A 172 12.89 -14.98 -0.18
CA GLU A 172 13.54 -16.22 -0.61
C GLU A 172 12.76 -16.89 -1.78
N ASN A 173 11.44 -16.74 -1.79
CA ASN A 173 10.62 -17.25 -2.90
C ASN A 173 10.94 -16.48 -4.17
N ALA A 174 11.00 -15.16 -4.06
CA ALA A 174 11.36 -14.31 -5.19
C ALA A 174 12.76 -14.63 -5.72
N LEU A 175 13.66 -15.03 -4.83
CA LEU A 175 15.03 -15.31 -5.27
C LEU A 175 14.99 -16.53 -6.19
N LYS A 176 14.25 -17.56 -5.78
CA LYS A 176 14.15 -18.81 -6.51
C LYS A 176 13.40 -18.55 -7.84
N ILE A 177 12.38 -17.70 -7.80
CA ILE A 177 11.64 -17.36 -9.01
C ILE A 177 12.57 -16.67 -9.98
N MET A 178 13.33 -15.69 -9.50
CA MET A 178 14.28 -15.02 -10.38
C MET A 178 15.29 -15.99 -11.03
N GLU A 179 15.90 -16.88 -10.23
CA GLU A 179 16.88 -17.86 -10.75
C GLU A 179 16.28 -18.77 -11.82
N ASN A 180 15.08 -19.28 -11.55
CA ASN A 180 14.29 -20.04 -12.51
C ASN A 180 14.09 -19.28 -13.82
N ALA A 181 13.69 -18.02 -13.71
CA ALA A 181 13.49 -17.17 -14.88
C ALA A 181 14.80 -16.95 -15.66
N LEU A 182 15.86 -16.60 -14.94
CA LEU A 182 17.13 -16.36 -15.60
C LEU A 182 17.57 -17.61 -16.37
N THR A 183 17.41 -18.77 -15.74
CA THR A 183 17.79 -20.06 -16.32
C THR A 183 16.97 -20.35 -17.58
N ALA A 184 15.64 -20.37 -17.45
CA ALA A 184 14.77 -20.52 -18.62
C ALA A 184 15.05 -19.53 -19.78
N ASN A 185 15.54 -18.33 -19.48
CA ASN A 185 15.83 -17.37 -20.56
C ASN A 185 17.31 -17.17 -20.87
N ASN A 186 18.17 -18.00 -20.29
CA ASN A 186 19.57 -17.87 -20.56
C ASN A 186 19.99 -16.44 -20.29
N ASN A 187 19.57 -15.94 -19.13
CA ASN A 187 19.93 -14.59 -18.64
C ASN A 187 19.47 -13.43 -19.54
N LYS A 188 18.74 -13.73 -20.60
CA LYS A 188 18.26 -12.66 -21.48
C LYS A 188 16.97 -12.02 -20.93
N ILE A 189 17.11 -11.16 -19.92
CA ILE A 189 15.95 -10.51 -19.32
C ILE A 189 16.37 -9.09 -19.09
N ASP A 190 15.57 -8.15 -19.61
CA ASP A 190 15.92 -6.75 -19.50
C ASP A 190 15.27 -5.98 -18.34
N ALA A 191 14.19 -6.46 -17.77
CA ALA A 191 13.56 -5.71 -16.72
C ALA A 191 12.68 -6.63 -15.95
N VAL A 192 12.62 -6.43 -14.64
CA VAL A 192 11.80 -7.26 -13.76
C VAL A 192 10.78 -6.33 -13.09
N VAL A 193 9.49 -6.60 -13.29
CA VAL A 193 8.45 -5.78 -12.68
C VAL A 193 8.15 -6.47 -11.42
N ALA A 194 8.95 -6.15 -10.40
CA ALA A 194 8.73 -6.70 -9.06
C ALA A 194 7.78 -5.78 -8.29
N SER A 195 7.00 -6.34 -7.38
CA SER A 195 5.92 -5.54 -6.83
C SER A 195 6.21 -4.90 -5.47
N ASN A 196 7.31 -5.32 -4.82
CA ASN A 196 7.77 -4.61 -3.62
C ASN A 196 9.29 -4.67 -3.39
N ASP A 197 9.74 -3.97 -2.35
CA ASP A 197 11.17 -3.83 -2.11
C ASP A 197 11.74 -5.16 -1.64
N ALA A 198 10.97 -5.89 -0.85
CA ALA A 198 11.44 -7.16 -0.28
C ALA A 198 11.61 -8.24 -1.35
N THR A 199 10.69 -8.31 -2.29
CA THR A 199 10.81 -9.32 -3.32
C THR A 199 11.84 -8.86 -4.33
N ALA A 200 11.88 -7.57 -4.62
CA ALA A 200 12.90 -7.07 -5.51
C ALA A 200 14.31 -7.40 -4.98
N GLY A 201 14.51 -7.28 -3.67
CA GLY A 201 15.80 -7.54 -3.03
C GLY A 201 16.28 -8.96 -3.30
N GLY A 202 15.36 -9.91 -3.15
CA GLY A 202 15.63 -11.30 -3.46
C GLY A 202 15.94 -11.56 -4.91
N ALA A 203 15.22 -10.89 -5.81
CA ALA A 203 15.47 -11.06 -7.23
C ALA A 203 16.87 -10.55 -7.55
N ILE A 204 17.20 -9.43 -6.91
CA ILE A 204 18.46 -8.73 -7.16
C ILE A 204 19.69 -9.58 -6.78
N GLN A 205 19.52 -10.44 -5.76
CA GLN A 205 20.53 -11.40 -5.36
C GLN A 205 20.76 -12.43 -6.45
N ALA A 206 19.68 -12.87 -7.10
CA ALA A 206 19.85 -13.80 -8.19
C ALA A 206 20.52 -13.07 -9.34
N LEU A 207 20.12 -11.83 -9.58
CA LEU A 207 20.74 -11.06 -10.65
C LEU A 207 22.25 -10.85 -10.41
N SER A 208 22.60 -10.47 -9.18
CA SER A 208 23.99 -10.26 -8.79
C SER A 208 24.87 -11.48 -9.08
N ALA A 209 24.36 -12.65 -8.69
CA ALA A 209 25.03 -13.92 -8.85
C ALA A 209 25.30 -14.29 -10.31
N GLN A 210 24.69 -13.56 -11.25
CA GLN A 210 24.89 -13.83 -12.67
C GLN A 210 25.68 -12.71 -13.29
N GLY A 211 26.08 -11.74 -12.47
CA GLY A 211 26.86 -10.59 -12.95
C GLY A 211 25.99 -9.52 -13.59
N LEU A 212 24.69 -9.58 -13.30
CA LEU A 212 23.71 -8.76 -14.02
C LEU A 212 23.16 -7.57 -13.21
N SER A 213 23.56 -7.48 -11.94
CA SER A 213 23.14 -6.39 -11.05
C SER A 213 23.55 -5.05 -11.61
N GLY A 214 22.65 -4.08 -11.57
CA GLY A 214 22.88 -2.80 -12.21
C GLY A 214 22.64 -2.81 -13.71
N LYS A 215 22.42 -3.98 -14.27
CA LYS A 215 22.23 -4.04 -15.70
C LYS A 215 20.77 -4.26 -16.04
N VAL A 216 20.05 -4.92 -15.14
CA VAL A 216 18.63 -5.20 -15.32
C VAL A 216 17.72 -4.23 -14.54
N ALA A 217 16.87 -3.49 -15.26
CA ALA A 217 15.93 -2.56 -14.60
C ALA A 217 14.98 -3.36 -13.70
N ILE A 218 14.75 -2.87 -12.49
CA ILE A 218 13.83 -3.54 -11.58
C ILE A 218 13.15 -2.54 -10.65
N SER A 219 11.85 -2.77 -10.47
CA SER A 219 10.96 -1.90 -9.72
C SER A 219 10.76 -2.36 -8.28
N GLY A 220 10.26 -1.48 -7.43
CA GLY A 220 9.86 -1.90 -6.09
C GLY A 220 8.74 -1.09 -5.47
N GLN A 221 8.59 -1.22 -4.15
CA GLN A 221 7.63 -0.47 -3.39
C GLN A 221 7.98 -0.52 -1.89
N ASP A 222 7.66 0.56 -1.18
CA ASP A 222 7.74 0.68 0.29
C ASP A 222 8.86 1.60 0.74
N ALA A 223 9.91 1.69 -0.06
CA ALA A 223 11.05 2.51 0.32
C ALA A 223 11.71 1.97 1.60
N ASP A 224 11.78 0.65 1.72
CA ASP A 224 12.58 0.02 2.75
C ASP A 224 13.98 0.64 2.70
N LEU A 225 14.65 0.78 3.85
CA LEU A 225 16.06 1.25 3.88
C LEU A 225 16.94 0.46 2.90
N ALA A 226 16.94 -0.86 2.99
CA ALA A 226 17.75 -1.66 2.05
C ALA A 226 17.40 -1.32 0.59
N GLY A 227 16.14 -1.05 0.33
CA GLY A 227 15.71 -0.69 -1.02
C GLY A 227 16.33 0.63 -1.41
N ILE A 228 16.18 1.62 -0.55
CA ILE A 228 16.75 2.95 -0.77
C ILE A 228 18.25 2.91 -1.09
N LYS A 229 18.98 2.08 -0.37
CA LYS A 229 20.41 1.92 -0.64
C LYS A 229 20.66 1.34 -2.04
N ARG A 230 20.00 0.22 -2.35
CA ARG A 230 20.14 -0.38 -3.66
C ARG A 230 19.95 0.70 -4.71
N ILE A 231 18.93 1.53 -4.53
CA ILE A 231 18.63 2.57 -5.52
C ILE A 231 19.80 3.53 -5.66
N ALA A 232 20.37 3.94 -4.52
CA ALA A 232 21.54 4.80 -4.53
C ALA A 232 22.73 4.11 -5.22
N ALA A 233 22.87 2.80 -4.99
CA ALA A 233 23.97 1.99 -5.55
C ALA A 233 23.77 1.54 -7.02
N GLY A 234 22.54 1.69 -7.54
CA GLY A 234 22.30 1.42 -8.95
C GLY A 234 21.79 0.03 -9.22
N THR A 235 21.63 -0.78 -8.18
CA THR A 235 21.15 -2.14 -8.42
C THR A 235 19.62 -2.25 -8.42
N GLN A 236 18.92 -1.24 -7.88
CA GLN A 236 17.45 -1.19 -7.97
C GLN A 236 17.09 0.08 -8.71
N THR A 237 16.06 0.03 -9.55
CA THR A 237 15.73 1.18 -10.37
C THR A 237 14.97 2.25 -9.60
N MET A 238 13.96 1.82 -8.87
CA MET A 238 13.06 2.75 -8.21
C MET A 238 12.29 1.99 -7.19
N THR A 239 11.60 2.74 -6.33
CA THR A 239 10.67 2.19 -5.38
C THR A 239 9.50 3.18 -5.27
N VAL A 240 8.43 2.78 -4.59
CA VAL A 240 7.22 3.55 -4.44
C VAL A 240 7.04 3.80 -2.96
N TYR A 241 6.95 5.08 -2.63
CA TYR A 241 6.84 5.58 -1.26
C TYR A 241 5.40 5.99 -0.94
N LYS A 242 4.91 5.62 0.23
CA LYS A 242 3.53 5.94 0.57
C LYS A 242 3.53 6.60 1.93
N PRO A 243 3.74 7.93 1.94
CA PRO A 243 3.95 8.72 3.16
C PRO A 243 2.79 8.59 4.14
N ILE A 244 3.10 8.20 5.37
CA ILE A 244 2.12 8.03 6.42
C ILE A 244 1.45 9.37 6.75
N THR A 245 2.24 10.44 6.80
CA THR A 245 1.72 11.76 7.15
C THR A 245 0.54 12.10 6.26
N LEU A 246 0.71 11.90 4.96
CA LEU A 246 -0.33 12.25 4.03
C LEU A 246 -1.62 11.44 4.28
N LEU A 247 -1.46 10.16 4.57
CA LEU A 247 -2.58 9.26 4.76
C LEU A 247 -3.32 9.62 6.02
N ALA A 248 -2.55 9.75 7.11
CA ALA A 248 -3.09 10.01 8.45
C ALA A 248 -3.74 11.39 8.55
N ASN A 249 -3.07 12.40 8.00
CA ASN A 249 -3.65 13.73 7.96
C ASN A 249 -4.95 13.74 7.17
N THR A 250 -4.95 13.14 5.99
CA THR A 250 -6.17 13.17 5.20
C THR A 250 -7.28 12.39 5.89
N ALA A 251 -6.90 11.34 6.60
CA ALA A 251 -7.87 10.51 7.29
C ALA A 251 -8.58 11.30 8.40
N ALA A 252 -7.80 12.07 9.14
CA ALA A 252 -8.35 12.93 10.16
C ALA A 252 -9.33 13.97 9.58
N GLU A 253 -8.92 14.64 8.50
CA GLU A 253 -9.80 15.65 7.89
C GLU A 253 -11.12 15.04 7.41
N ILE A 254 -11.06 13.79 6.95
CA ILE A 254 -12.24 13.08 6.50
C ILE A 254 -13.11 12.71 7.69
N ALA A 255 -12.46 12.34 8.79
CA ALA A 255 -13.17 11.89 9.97
C ALA A 255 -13.98 13.05 10.57
N VAL A 256 -13.30 14.18 10.81
CA VAL A 256 -13.96 15.38 11.28
C VAL A 256 -15.09 15.76 10.35
N GLU A 257 -14.80 15.77 9.05
CA GLU A 257 -15.83 16.04 8.05
C GLU A 257 -17.06 15.15 8.23
N LEU A 258 -16.85 13.84 8.29
CA LEU A 258 -17.92 12.88 8.54
C LEU A 258 -18.66 13.26 9.84
N GLY A 259 -17.89 13.67 10.84
CA GLY A 259 -18.44 14.01 12.15
C GLY A 259 -19.42 15.15 12.06
N ASN A 260 -19.04 16.20 11.34
CA ASN A 260 -19.89 17.35 11.11
C ASN A 260 -20.90 17.10 10.00
N GLY A 261 -21.28 15.84 9.81
CA GLY A 261 -22.27 15.47 8.79
C GLY A 261 -21.99 15.86 7.35
N GLN A 262 -20.81 16.41 7.09
CA GLN A 262 -20.38 16.80 5.73
C GLN A 262 -20.07 15.61 4.82
N GLU A 263 -19.98 15.89 3.52
CA GLU A 263 -19.70 14.86 2.50
C GLU A 263 -18.32 15.06 1.87
N PRO A 264 -17.30 14.32 2.36
CA PRO A 264 -15.93 14.59 1.96
C PRO A 264 -15.70 14.20 0.51
N LYS A 265 -14.76 14.90 -0.15
CA LYS A 265 -14.50 14.69 -1.57
C LYS A 265 -13.81 13.34 -1.83
N ALA A 266 -14.43 12.52 -2.68
CA ALA A 266 -13.86 11.22 -3.03
C ALA A 266 -13.29 11.16 -4.44
N ASP A 267 -12.12 10.53 -4.56
CA ASP A 267 -11.51 10.30 -5.84
C ASP A 267 -12.41 9.37 -6.66
N THR A 268 -12.97 8.34 -6.03
CA THR A 268 -13.78 7.35 -6.75
C THR A 268 -14.78 6.61 -5.85
N THR A 269 -15.28 5.48 -6.34
CA THR A 269 -16.22 4.64 -5.61
C THR A 269 -15.85 3.17 -5.77
N LEU A 270 -15.40 2.54 -4.69
CA LEU A 270 -15.14 1.11 -4.71
C LEU A 270 -16.31 0.38 -4.09
N ASN A 271 -16.68 -0.75 -4.69
CA ASN A 271 -17.77 -1.54 -4.20
C ASN A 271 -17.28 -2.65 -3.28
N ASN A 272 -17.83 -2.75 -2.09
CA ASN A 272 -17.33 -3.73 -1.11
C ASN A 272 -18.20 -4.98 -1.00
N GLY A 273 -19.18 -5.09 -1.88
CA GLY A 273 -20.13 -6.19 -1.82
C GLY A 273 -21.27 -5.91 -0.84
N LEU A 274 -21.90 -4.74 -1.02
CA LEU A 274 -23.10 -4.34 -0.27
C LEU A 274 -23.53 -2.98 -0.77
N LYS A 275 -22.55 -2.11 -0.92
CA LYS A 275 -22.75 -0.83 -1.57
C LYS A 275 -21.44 -0.32 -2.15
N ASP A 276 -21.50 0.80 -2.86
CA ASP A 276 -20.30 1.46 -3.32
C ASP A 276 -19.84 2.49 -2.28
N VAL A 277 -18.62 2.28 -1.77
CA VAL A 277 -18.05 3.12 -0.74
C VAL A 277 -17.21 4.24 -1.33
N PRO A 278 -17.56 5.50 -1.02
CA PRO A 278 -16.74 6.63 -1.45
C PRO A 278 -15.32 6.48 -0.93
N SER A 279 -14.33 6.77 -1.77
CA SER A 279 -12.94 6.46 -1.45
C SER A 279 -11.96 7.56 -1.85
N ARG A 280 -11.05 7.89 -0.93
CA ARG A 280 -9.91 8.67 -1.34
C ARG A 280 -8.69 7.76 -1.47
N LEU A 281 -8.19 7.64 -2.68
CA LEU A 281 -7.03 6.84 -3.02
C LEU A 281 -5.91 7.80 -3.28
N LEU A 282 -5.06 8.02 -2.28
CA LEU A 282 -3.97 8.98 -2.40
C LEU A 282 -2.95 8.61 -3.47
N THR A 283 -2.21 9.60 -3.95
CA THR A 283 -1.24 9.40 -5.01
C THR A 283 0.11 8.99 -4.39
N PRO A 284 0.63 7.82 -4.77
CA PRO A 284 1.91 7.35 -4.19
C PRO A 284 3.07 8.08 -4.88
N ILE A 285 4.27 7.98 -4.32
CA ILE A 285 5.41 8.77 -4.79
C ILE A 285 6.50 7.88 -5.39
N ASP A 286 6.92 8.22 -6.61
CA ASP A 286 8.02 7.56 -7.30
C ASP A 286 9.35 7.99 -6.67
N VAL A 287 10.08 7.04 -6.09
CA VAL A 287 11.39 7.36 -5.56
C VAL A 287 12.48 6.71 -6.41
N ASN A 288 13.39 7.52 -6.91
CA ASN A 288 14.54 7.00 -7.63
C ASN A 288 15.84 7.65 -7.12
N LYS A 289 16.94 7.41 -7.82
CA LYS A 289 18.25 7.87 -7.35
C LYS A 289 18.34 9.40 -7.21
N ASN A 290 17.59 10.12 -8.03
CA ASN A 290 17.69 11.58 -8.04
C ASN A 290 16.78 12.36 -7.07
N ASN A 291 15.90 11.69 -6.35
CA ASN A 291 15.03 12.40 -5.40
C ASN A 291 14.90 11.72 -4.05
N ILE A 292 15.79 10.77 -3.77
CA ILE A 292 15.80 10.14 -2.47
C ILE A 292 15.79 11.19 -1.34
N LYS A 293 16.65 12.20 -1.42
CA LYS A 293 16.70 13.18 -0.34
C LYS A 293 15.43 14.04 -0.23
N ASP A 294 14.84 14.40 -1.36
CA ASP A 294 13.67 15.28 -1.36
C ASP A 294 12.36 14.59 -1.04
N THR A 295 12.40 13.27 -0.87
CA THR A 295 11.21 12.56 -0.48
C THR A 295 11.43 11.91 0.88
N VAL A 296 11.96 10.70 0.86
CA VAL A 296 12.07 9.90 2.07
C VAL A 296 12.99 10.48 3.17
N ILE A 297 14.02 11.25 2.81
CA ILE A 297 14.84 11.89 3.86
C ILE A 297 14.14 13.12 4.42
N LYS A 298 13.81 14.04 3.52
CA LYS A 298 13.05 15.22 3.87
C LYS A 298 11.88 14.88 4.80
N ASP A 299 11.15 13.80 4.53
CA ASP A 299 10.00 13.41 5.36
C ASP A 299 10.35 12.85 6.72
N GLY A 300 11.60 12.49 6.93
CA GLY A 300 11.98 11.82 8.16
C GLY A 300 11.68 10.33 8.09
N PHE A 301 11.23 9.86 6.94
CA PHE A 301 11.01 8.41 6.82
C PHE A 301 12.33 7.68 7.05
N HIS A 302 13.43 8.25 6.56
CA HIS A 302 14.74 7.71 6.86
C HIS A 302 15.66 8.88 7.15
N LYS A 303 16.73 8.65 7.90
CA LYS A 303 17.69 9.70 8.26
C LYS A 303 18.91 9.64 7.33
N GLU A 304 19.45 10.81 7.01
CA GLU A 304 20.59 10.90 6.11
C GLU A 304 21.74 10.04 6.62
N SER A 305 21.92 10.04 7.94
CA SER A 305 23.03 9.29 8.54
C SER A 305 22.91 7.77 8.37
N GLU A 306 21.74 7.28 7.96
CA GLU A 306 21.56 5.84 7.78
C GLU A 306 22.14 5.35 6.46
N LEU A 307 21.97 6.16 5.42
CA LEU A 307 22.67 5.93 4.18
C LEU A 307 24.15 5.76 4.53
#